data_7XGJ
#
_entry.id   7XGJ
#
_cell.length_a   130.831
_cell.length_b   41.305
_cell.length_c   92.467
_cell.angle_alpha   90.00
_cell.angle_beta   96.06
_cell.angle_gamma   90.00
#
_symmetry.space_group_name_H-M   'C 1 2 1'
#
loop_
_entity.id
_entity.type
_entity.pdbx_description
1 polymer 'Matrix metalloproteinase-2'
2 polymer GZS-ASN-ASP-ALA-LEU-IML-EOE-NH2
3 non-polymer 'ZINC ION'
4 non-polymer 'CALCIUM ION'
5 water water
#
loop_
_entity_poly.entity_id
_entity_poly.type
_entity_poly.pdbx_seq_one_letter_code
_entity_poly.pdbx_strand_id
1 'polypeptide(L)'
;MYNFFPRKPKWDKNQITYRIIGYTPDLAPETVDDAFARAFQVWSDVTPLRFSRIYDGEADIMINFGRWEHGDGYPFDGKD
GLLAHAFAPGTGVGGDSHFDDDELWTLGKGVGYSLFLVAAHAFGHAMGLEHSQDPGALMAPIYTYTKNFRLSQDDIKGIQ
ELYGASPD
;
A,B,C
2 'polypeptide(L)' (GZS)NDAL(IML)(EOE)(NH2) D,E,F
#
# COMPACT_ATOMS: atom_id res chain seq x y z
N MET A 1 -9.05 -38.71 -6.34
CA MET A 1 -8.24 -38.71 -7.60
C MET A 1 -8.42 -37.38 -8.32
N TYR A 2 -7.94 -37.29 -9.56
CA TYR A 2 -8.10 -36.09 -10.38
C TYR A 2 -9.56 -35.69 -10.69
N ASN A 3 -9.77 -34.39 -10.90
CA ASN A 3 -11.10 -33.87 -11.20
C ASN A 3 -10.99 -32.77 -12.26
N PHE A 4 -12.12 -32.55 -12.95
CA PHE A 4 -12.28 -31.47 -13.92
C PHE A 4 -13.40 -30.57 -13.45
N PHE A 5 -13.66 -29.51 -14.25
CA PHE A 5 -14.86 -28.71 -14.05
C PHE A 5 -16.05 -29.51 -14.56
N PRO A 6 -17.25 -29.29 -14.00
CA PRO A 6 -18.38 -30.16 -14.34
C PRO A 6 -18.63 -30.34 -15.85
N ARG A 7 -18.52 -29.27 -16.65
CA ARG A 7 -18.72 -29.33 -18.11
C ARG A 7 -17.47 -29.72 -18.92
N LYS A 8 -16.45 -30.25 -18.25
CA LYS A 8 -15.21 -30.68 -18.89
C LYS A 8 -14.66 -29.67 -19.94
N PRO A 9 -14.57 -28.36 -19.59
CA PRO A 9 -14.07 -27.39 -20.54
C PRO A 9 -12.59 -27.53 -20.73
N LYS A 10 -12.17 -27.39 -21.97
CA LYS A 10 -10.78 -27.55 -22.34
C LYS A 10 -10.48 -26.64 -23.48
N TRP A 11 -9.20 -26.38 -23.70
CA TRP A 11 -8.78 -25.63 -24.86
C TRP A 11 -8.86 -26.51 -26.14
N ASP A 12 -9.27 -25.84 -27.20
CA ASP A 12 -9.52 -26.43 -28.50
C ASP A 12 -8.25 -26.40 -29.40
N LYS A 13 -7.19 -25.77 -28.89
CA LYS A 13 -5.90 -25.74 -29.56
C LYS A 13 -4.77 -26.15 -28.62
N ASN A 14 -3.60 -26.39 -29.18
CA ASN A 14 -2.40 -26.78 -28.45
C ASN A 14 -1.41 -25.67 -28.28
N GLN A 15 -1.45 -24.67 -29.15
CA GLN A 15 -0.67 -23.44 -28.98
C GLN A 15 -1.44 -22.34 -28.24
N ILE A 16 -1.05 -22.08 -26.98
CA ILE A 16 -1.71 -21.08 -26.12
C ILE A 16 -0.75 -19.92 -25.78
N THR A 17 -1.23 -18.69 -25.85
CA THR A 17 -0.44 -17.54 -25.39
C THR A 17 -0.75 -17.09 -23.99
N TYR A 18 0.25 -16.51 -23.30
CA TYR A 18 0.03 -15.73 -22.09
C TYR A 18 0.65 -14.32 -22.10
N ARG A 19 0.10 -13.44 -21.28
CA ARG A 19 0.63 -12.11 -21.04
C ARG A 19 0.55 -11.80 -19.56
N ILE A 20 1.60 -11.16 -19.06
CA ILE A 20 1.66 -10.65 -17.71
C ILE A 20 1.34 -9.13 -17.72
N ILE A 21 0.09 -8.78 -17.39
CA ILE A 21 -0.35 -7.38 -17.29
C ILE A 21 0.44 -6.56 -16.22
N GLY A 22 0.67 -7.15 -15.05
CA GLY A 22 1.42 -6.49 -13.98
C GLY A 22 2.25 -7.47 -13.20
N TYR A 23 3.30 -6.97 -12.57
CA TYR A 23 4.23 -7.76 -11.79
C TYR A 23 3.97 -7.58 -10.32
N THR A 24 4.55 -8.46 -9.52
CA THR A 24 4.67 -8.26 -8.08
C THR A 24 6.05 -7.62 -7.69
N PRO A 25 6.04 -6.53 -6.89
CA PRO A 25 7.30 -5.93 -6.41
C PRO A 25 8.16 -6.88 -5.61
N ASP A 26 7.55 -7.92 -5.06
CA ASP A 26 8.21 -8.87 -4.19
C ASP A 26 9.32 -9.63 -4.83
N LEU A 27 9.28 -9.78 -6.16
CA LEU A 27 10.28 -10.55 -6.90
C LEU A 27 10.79 -9.78 -8.10
N ALA A 28 12.03 -10.08 -8.52
CA ALA A 28 12.56 -9.50 -9.74
C ALA A 28 11.71 -9.94 -10.96
N PRO A 29 11.39 -9.01 -11.90
CA PRO A 29 10.65 -9.33 -13.10
C PRO A 29 11.17 -10.57 -13.84
N GLU A 30 12.48 -10.60 -14.10
CA GLU A 30 13.21 -11.81 -14.52
C GLU A 30 12.71 -13.09 -13.83
N THR A 31 12.72 -13.05 -12.49
CA THR A 31 12.41 -14.19 -11.63
C THR A 31 11.00 -14.64 -11.78
N VAL A 32 10.10 -13.65 -11.92
CA VAL A 32 8.68 -13.85 -12.15
C VAL A 32 8.48 -14.52 -13.53
N ASP A 33 9.07 -13.94 -14.58
CA ASP A 33 9.01 -14.48 -15.94
C ASP A 33 9.33 -15.96 -15.93
N ASP A 34 10.47 -16.31 -15.38
CA ASP A 34 10.92 -17.67 -15.40
C ASP A 34 10.07 -18.57 -14.47
N ALA A 35 9.50 -17.99 -13.41
CA ALA A 35 8.57 -18.73 -12.54
C ALA A 35 7.35 -19.18 -13.30
N PHE A 36 6.74 -18.27 -14.04
CA PHE A 36 5.59 -18.56 -14.88
C PHE A 36 5.89 -19.52 -16.04
N ALA A 37 7.04 -19.32 -16.68
CA ALA A 37 7.49 -20.20 -17.74
C ALA A 37 7.61 -21.63 -17.23
N ARG A 38 8.24 -21.79 -16.08
CA ARG A 38 8.48 -23.11 -15.52
C ARG A 38 7.16 -23.76 -15.10
N ALA A 39 6.26 -22.95 -14.58
CA ALA A 39 4.96 -23.38 -14.18
C ALA A 39 4.17 -23.94 -15.37
N PHE A 40 4.28 -23.27 -16.53
CA PHE A 40 3.63 -23.70 -17.77
C PHE A 40 4.30 -24.91 -18.34
N GLN A 41 5.62 -24.96 -18.19
CA GLN A 41 6.45 -26.04 -18.70
C GLN A 41 6.09 -27.38 -18.03
N VAL A 42 5.79 -27.40 -16.73
CA VAL A 42 5.42 -28.67 -16.06
C VAL A 42 4.16 -29.36 -16.66
N TRP A 43 3.26 -28.56 -17.22
CA TRP A 43 2.11 -29.07 -17.96
C TRP A 43 2.46 -29.38 -19.41
N SER A 44 3.40 -28.63 -19.99
CA SER A 44 3.90 -28.90 -21.36
C SER A 44 4.62 -30.20 -21.53
N ASP A 45 5.26 -30.65 -20.46
CA ASP A 45 6.16 -31.77 -20.52
C ASP A 45 5.39 -33.09 -20.69
N VAL A 46 4.11 -33.09 -20.31
CA VAL A 46 3.26 -34.29 -20.41
C VAL A 46 2.01 -34.13 -21.28
N THR A 47 1.90 -33.03 -21.97
CA THR A 47 0.84 -32.79 -22.93
C THR A 47 1.45 -32.20 -24.20
N PRO A 48 0.63 -32.05 -25.27
CA PRO A 48 1.10 -31.32 -26.46
C PRO A 48 0.81 -29.80 -26.38
N LEU A 49 0.50 -29.30 -25.17
CA LEU A 49 0.11 -27.91 -24.96
C LEU A 49 1.36 -27.09 -24.82
N ARG A 50 1.37 -25.97 -25.53
CA ARG A 50 2.55 -25.16 -25.73
C ARG A 50 2.16 -23.76 -25.39
N PHE A 51 2.99 -23.13 -24.56
CA PHE A 51 2.64 -21.83 -23.97
C PHE A 51 3.63 -20.79 -24.38
N SER A 52 3.15 -19.70 -24.97
CA SER A 52 4.01 -18.65 -25.53
C SER A 52 3.70 -17.30 -24.91
N ARG A 53 4.74 -16.62 -24.44
CA ARG A 53 4.57 -15.31 -23.83
C ARG A 53 4.45 -14.22 -24.87
N ILE A 54 3.49 -13.30 -24.67
CA ILE A 54 3.37 -12.06 -25.44
C ILE A 54 3.44 -10.86 -24.48
N TYR A 55 3.83 -9.70 -25.03
CA TYR A 55 4.03 -8.49 -24.27
C TYR A 55 3.01 -7.40 -24.53
N ASP A 56 2.00 -7.72 -25.36
CA ASP A 56 0.96 -6.75 -25.75
C ASP A 56 -0.28 -7.46 -26.28
N GLY A 57 -1.41 -6.77 -26.22
CA GLY A 57 -2.65 -7.32 -26.75
C GLY A 57 -3.29 -8.37 -25.86
N GLU A 58 -4.40 -8.92 -26.35
CA GLU A 58 -5.17 -9.93 -25.62
C GLU A 58 -4.51 -11.31 -25.75
N ALA A 59 -4.12 -11.90 -24.62
CA ALA A 59 -3.62 -13.27 -24.57
C ALA A 59 -4.73 -14.17 -24.10
N ASP A 60 -4.51 -15.47 -24.24
CA ASP A 60 -5.46 -16.46 -23.74
C ASP A 60 -5.47 -16.40 -22.22
N ILE A 61 -4.26 -16.47 -21.66
CA ILE A 61 -4.03 -16.37 -20.22
C ILE A 61 -3.41 -14.98 -19.86
N MET A 62 -4.30 -14.06 -19.49
CA MET A 62 -3.88 -12.77 -18.98
C MET A 62 -3.61 -12.93 -17.50
N ILE A 63 -2.37 -12.68 -17.11
CA ILE A 63 -1.87 -12.81 -15.74
C ILE A 63 -1.74 -11.40 -15.15
N ASN A 64 -2.23 -11.24 -13.93
CA ASN A 64 -1.97 -10.06 -13.14
C ASN A 64 -1.90 -10.37 -11.66
N PHE A 65 -1.34 -9.44 -10.90
CA PHE A 65 -1.39 -9.48 -9.42
C PHE A 65 -2.42 -8.45 -8.94
N GLY A 66 -3.01 -8.69 -7.79
CA GLY A 66 -4.03 -7.77 -7.29
C GLY A 66 -4.54 -8.22 -5.94
N ARG A 67 -5.24 -7.32 -5.24
CA ARG A 67 -5.75 -7.66 -3.91
C ARG A 67 -7.15 -7.15 -3.66
N TRP A 68 -7.87 -7.81 -2.75
CA TRP A 68 -9.26 -7.50 -2.45
C TRP A 68 -10.05 -7.40 -3.75
N GLU A 69 -10.94 -6.41 -3.89
CA GLU A 69 -11.62 -6.19 -5.15
C GLU A 69 -10.61 -5.75 -6.25
N HIS A 70 -10.36 -6.65 -7.20
CA HIS A 70 -9.49 -6.35 -8.32
C HIS A 70 -10.21 -6.47 -9.66
N GLY A 71 -11.54 -6.37 -9.66
CA GLY A 71 -12.32 -6.08 -10.86
C GLY A 71 -12.92 -7.25 -11.60
N ASP A 72 -13.18 -8.35 -10.89
CA ASP A 72 -13.79 -9.52 -11.53
C ASP A 72 -14.92 -10.15 -10.72
N GLY A 73 -15.33 -9.50 -9.63
CA GLY A 73 -16.43 -9.98 -8.81
C GLY A 73 -16.10 -11.17 -7.89
N TYR A 74 -14.84 -11.58 -7.83
CA TYR A 74 -14.35 -12.59 -6.87
C TYR A 74 -13.16 -12.02 -6.10
N PRO A 75 -13.44 -11.22 -5.05
CA PRO A 75 -12.40 -10.53 -4.35
C PRO A 75 -11.39 -11.47 -3.72
N PHE A 76 -10.17 -10.96 -3.51
CA PHE A 76 -9.19 -11.61 -2.64
C PHE A 76 -9.43 -11.20 -1.18
N ASP A 77 -8.68 -11.79 -0.27
CA ASP A 77 -9.05 -11.78 1.15
C ASP A 77 -7.94 -11.34 2.10
N GLY A 78 -6.94 -10.59 1.60
CA GLY A 78 -5.81 -10.17 2.42
C GLY A 78 -4.76 -11.26 2.57
N LYS A 79 -3.93 -11.14 3.61
CA LYS A 79 -2.89 -12.13 3.87
C LYS A 79 -3.57 -13.49 4.13
N ASP A 80 -2.98 -14.53 3.55
CA ASP A 80 -3.37 -15.91 3.68
C ASP A 80 -4.67 -16.19 2.94
N GLY A 81 -5.25 -17.37 3.16
CA GLY A 81 -6.55 -17.70 2.59
C GLY A 81 -6.39 -18.05 1.13
N LEU A 82 -7.16 -17.41 0.28
CA LEU A 82 -6.93 -17.52 -1.15
C LEU A 82 -5.54 -16.92 -1.47
N LEU A 83 -4.73 -17.71 -2.18
CA LEU A 83 -3.38 -17.31 -2.67
C LEU A 83 -3.46 -16.69 -4.07
N ALA A 84 -4.37 -17.26 -4.88
CA ALA A 84 -4.58 -16.93 -6.28
C ALA A 84 -5.86 -17.61 -6.77
N HIS A 85 -6.39 -17.14 -7.90
CA HIS A 85 -7.45 -17.89 -8.55
C HIS A 85 -7.33 -17.93 -10.06
N ALA A 86 -7.92 -18.92 -10.69
CA ALA A 86 -7.88 -18.99 -12.16
C ALA A 86 -9.25 -19.40 -12.73
N PHE A 87 -9.59 -18.92 -13.93
CA PHE A 87 -10.84 -19.27 -14.60
C PHE A 87 -10.63 -20.43 -15.52
N ALA A 88 -11.62 -21.32 -15.59
CA ALA A 88 -11.61 -22.49 -16.50
C ALA A 88 -11.48 -22.03 -17.95
N PRO A 89 -10.96 -22.89 -18.84
CA PRO A 89 -10.72 -22.46 -20.23
C PRO A 89 -11.93 -21.75 -20.88
N GLY A 90 -11.64 -20.75 -21.68
CA GLY A 90 -12.67 -20.05 -22.41
C GLY A 90 -12.23 -18.73 -23.00
N THR A 91 -13.18 -18.08 -23.64
CA THR A 91 -13.01 -16.72 -24.17
C THR A 91 -13.06 -15.68 -23.06
N GLY A 92 -12.35 -14.57 -23.28
CA GLY A 92 -12.30 -13.41 -22.39
C GLY A 92 -11.60 -13.72 -21.07
N VAL A 93 -12.36 -13.59 -20.00
CA VAL A 93 -11.86 -13.82 -18.69
C VAL A 93 -11.45 -15.28 -18.51
N GLY A 94 -11.94 -16.15 -19.39
CA GLY A 94 -11.61 -17.55 -19.37
C GLY A 94 -10.13 -17.79 -19.50
N GLY A 95 -9.62 -18.67 -18.67
CA GLY A 95 -8.20 -18.95 -18.58
C GLY A 95 -7.36 -18.00 -17.70
N ASP A 96 -7.87 -16.79 -17.42
CA ASP A 96 -7.07 -15.74 -16.84
C ASP A 96 -6.68 -16.16 -15.45
N SER A 97 -5.49 -15.73 -15.00
CA SER A 97 -4.91 -16.14 -13.71
C SER A 97 -4.53 -14.95 -12.84
N HIS A 98 -5.19 -14.77 -11.67
CA HIS A 98 -4.83 -13.64 -10.78
C HIS A 98 -4.14 -14.15 -9.52
N PHE A 99 -3.26 -13.33 -8.95
CA PHE A 99 -2.47 -13.70 -7.76
C PHE A 99 -2.59 -12.65 -6.66
N ASP A 100 -2.84 -13.08 -5.43
CA ASP A 100 -3.03 -12.16 -4.31
C ASP A 100 -1.71 -11.54 -3.88
N ASP A 101 -1.53 -10.25 -4.19
CA ASP A 101 -0.29 -9.53 -3.85
C ASP A 101 -0.26 -9.11 -2.39
N ASP A 102 -1.29 -9.40 -1.58
CA ASP A 102 -1.15 -9.30 -0.11
C ASP A 102 -0.26 -10.40 0.44
N GLU A 103 -0.08 -11.47 -0.30
CA GLU A 103 0.86 -12.51 0.04
C GLU A 103 2.25 -12.03 -0.33
N LEU A 104 3.23 -12.67 0.28
CA LEU A 104 4.62 -12.48 -0.08
C LEU A 104 4.99 -13.62 -0.99
N TRP A 105 5.32 -13.28 -2.23
CA TRP A 105 5.74 -14.27 -3.23
C TRP A 105 7.25 -14.52 -3.20
N THR A 106 7.64 -15.79 -3.22
CA THR A 106 9.05 -16.18 -3.15
C THR A 106 9.36 -17.27 -4.18
N LEU A 107 10.65 -17.63 -4.29
CA LEU A 107 11.10 -18.82 -5.02
C LEU A 107 12.14 -19.60 -4.26
N GLY A 108 11.95 -20.90 -4.16
CA GLY A 108 12.91 -21.81 -3.54
C GLY A 108 13.07 -21.65 -2.03
N LYS A 109 11.96 -21.46 -1.30
CA LYS A 109 12.00 -21.08 0.13
C LYS A 109 10.75 -21.47 0.90
N GLY A 110 10.95 -21.97 2.12
CA GLY A 110 9.83 -22.29 3.04
C GLY A 110 9.05 -21.10 3.60
N VAL A 111 9.61 -19.89 3.50
CA VAL A 111 8.90 -18.63 3.87
C VAL A 111 8.22 -18.08 2.62
N GLY A 112 7.13 -17.36 2.82
CA GLY A 112 6.28 -16.85 1.76
C GLY A 112 5.65 -17.96 0.97
N TYR A 113 5.22 -17.64 -0.25
CA TYR A 113 4.63 -18.66 -1.15
C TYR A 113 5.34 -18.73 -2.49
N SER A 114 5.73 -19.93 -2.85
CA SER A 114 6.45 -20.13 -4.11
C SER A 114 5.55 -19.74 -5.26
N LEU A 115 5.94 -18.69 -6.00
CA LEU A 115 5.20 -18.28 -7.21
C LEU A 115 5.15 -19.41 -8.24
N PHE A 116 6.24 -20.16 -8.35
CA PHE A 116 6.31 -21.28 -9.25
C PHE A 116 5.20 -22.30 -8.97
N LEU A 117 5.20 -22.84 -7.75
CA LEU A 117 4.20 -23.85 -7.31
C LEU A 117 2.77 -23.35 -7.36
N VAL A 118 2.49 -22.12 -6.91
CA VAL A 118 1.12 -21.57 -6.98
C VAL A 118 0.68 -21.27 -8.43
N ALA A 119 1.53 -20.66 -9.25
CA ALA A 119 1.23 -20.52 -10.66
C ALA A 119 0.91 -21.87 -11.30
N ALA A 120 1.79 -22.83 -11.09
CA ALA A 120 1.64 -24.17 -11.69
C ALA A 120 0.28 -24.80 -11.34
N HIS A 121 -0.14 -24.54 -10.09
CA HIS A 121 -1.47 -24.96 -9.59
C HIS A 121 -2.55 -24.15 -10.27
N ALA A 122 -2.49 -22.83 -10.10
CA ALA A 122 -3.52 -21.96 -10.72
C ALA A 122 -3.68 -22.21 -12.23
N PHE A 123 -2.56 -22.44 -12.93
CA PHE A 123 -2.60 -22.70 -14.36
C PHE A 123 -3.26 -24.02 -14.66
N GLY A 124 -3.06 -24.98 -13.77
CA GLY A 124 -3.77 -26.27 -13.82
C GLY A 124 -5.27 -26.08 -13.96
N HIS A 125 -5.84 -25.18 -13.17
CA HIS A 125 -7.23 -24.77 -13.27
C HIS A 125 -7.49 -24.09 -14.57
N ALA A 126 -6.63 -23.15 -14.94
CA ALA A 126 -6.72 -22.53 -16.28
C ALA A 126 -6.74 -23.51 -17.46
N MET A 127 -6.29 -24.74 -17.21
CA MET A 127 -6.37 -25.82 -18.17
C MET A 127 -7.61 -26.67 -18.09
N GLY A 128 -8.33 -26.58 -16.96
CA GLY A 128 -9.56 -27.30 -16.75
C GLY A 128 -9.53 -28.34 -15.65
N LEU A 129 -8.43 -28.42 -14.92
CA LEU A 129 -8.35 -29.34 -13.80
C LEU A 129 -8.92 -28.72 -12.53
N GLU A 130 -9.76 -29.49 -11.83
CA GLU A 130 -10.18 -29.18 -10.46
C GLU A 130 -9.25 -29.86 -9.47
N HIS A 131 -9.51 -29.60 -8.18
CA HIS A 131 -8.64 -30.10 -7.12
C HIS A 131 -8.61 -31.61 -7.01
N SER A 132 -7.45 -32.10 -6.54
CA SER A 132 -7.22 -33.49 -6.23
C SER A 132 -7.18 -33.74 -4.68
N GLN A 133 -7.63 -34.92 -4.26
CA GLN A 133 -7.62 -35.30 -2.85
C GLN A 133 -6.24 -35.76 -2.46
N ASP A 134 -5.39 -36.01 -3.44
CA ASP A 134 -4.05 -36.54 -3.21
C ASP A 134 -3.20 -35.45 -2.54
N PRO A 135 -2.68 -35.71 -1.32
CA PRO A 135 -1.84 -34.73 -0.59
C PRO A 135 -0.57 -34.33 -1.33
N GLY A 136 -0.02 -35.26 -2.12
CA GLY A 136 1.16 -35.00 -2.90
C GLY A 136 0.88 -34.59 -4.34
N ALA A 137 -0.35 -34.15 -4.64
CA ALA A 137 -0.68 -33.63 -5.96
C ALA A 137 -0.48 -32.14 -5.95
N LEU A 138 0.07 -31.60 -7.04
CA LEU A 138 0.05 -30.15 -7.29
C LEU A 138 -1.37 -29.54 -7.21
N MET A 139 -2.39 -30.27 -7.66
CA MET A 139 -3.76 -29.80 -7.55
C MET A 139 -4.43 -30.03 -6.18
N ALA A 140 -3.66 -30.35 -5.15
CA ALA A 140 -4.23 -30.37 -3.81
C ALA A 140 -4.76 -28.97 -3.44
N PRO A 141 -5.92 -28.87 -2.77
CA PRO A 141 -6.36 -27.51 -2.39
C PRO A 141 -5.55 -26.81 -1.32
N ILE A 142 -4.57 -27.47 -0.71
CA ILE A 142 -3.79 -26.89 0.41
C ILE A 142 -2.34 -26.71 -0.01
N TYR A 143 -1.82 -25.53 0.22
CA TYR A 143 -0.41 -25.27 -0.03
C TYR A 143 0.58 -26.23 0.71
N THR A 144 1.64 -26.65 0.02
CA THR A 144 2.81 -27.29 0.63
C THR A 144 4.03 -26.88 -0.20
N TYR A 145 5.07 -26.43 0.48
CA TYR A 145 6.37 -26.21 -0.14
C TYR A 145 7.12 -27.53 -0.22
N THR A 146 7.82 -27.74 -1.32
CA THR A 146 8.77 -28.82 -1.50
C THR A 146 9.90 -28.24 -2.30
N LYS A 147 11.14 -28.44 -1.84
CA LYS A 147 12.29 -27.96 -2.59
C LYS A 147 12.48 -28.66 -3.95
N ASN A 148 12.13 -29.93 -4.03
CA ASN A 148 12.16 -30.64 -5.30
C ASN A 148 10.74 -31.06 -5.68
N PHE A 149 10.18 -30.39 -6.67
CA PHE A 149 8.79 -30.63 -7.09
C PHE A 149 8.75 -31.65 -8.22
N ARG A 150 7.73 -32.51 -8.19
CA ARG A 150 7.39 -33.39 -9.27
C ARG A 150 5.87 -33.41 -9.42
N LEU A 151 5.43 -33.77 -10.62
CA LEU A 151 4.05 -34.03 -10.89
C LEU A 151 3.73 -35.43 -10.43
N SER A 152 2.65 -35.52 -9.68
CA SER A 152 2.19 -36.78 -9.17
C SER A 152 1.49 -37.41 -10.36
N GLN A 153 1.48 -38.75 -10.38
CA GLN A 153 0.77 -39.50 -11.43
C GLN A 153 -0.68 -39.00 -11.61
N ASP A 154 -1.27 -38.53 -10.53
CA ASP A 154 -2.66 -38.06 -10.51
C ASP A 154 -2.82 -36.82 -11.37
N ASP A 155 -1.83 -35.93 -11.28
CA ASP A 155 -1.81 -34.69 -12.05
C ASP A 155 -1.60 -35.01 -13.55
N ILE A 156 -0.70 -35.96 -13.82
CA ILE A 156 -0.41 -36.36 -15.19
C ILE A 156 -1.62 -37.03 -15.86
N LYS A 157 -2.28 -37.94 -15.15
CA LYS A 157 -3.40 -38.68 -15.75
C LYS A 157 -4.62 -37.79 -16.01
N GLY A 158 -4.87 -36.83 -15.14
CA GLY A 158 -5.97 -35.89 -15.33
C GLY A 158 -5.82 -35.05 -16.58
N ILE A 159 -4.63 -34.50 -16.75
CA ILE A 159 -4.35 -33.55 -17.81
C ILE A 159 -4.26 -34.30 -19.15
N GLN A 160 -3.70 -35.53 -19.13
CA GLN A 160 -3.61 -36.41 -20.34
C GLN A 160 -4.99 -36.92 -20.77
N GLU A 161 -5.91 -37.11 -19.82
CA GLU A 161 -7.35 -37.34 -20.11
C GLU A 161 -7.95 -36.24 -20.98
N LEU A 162 -7.63 -34.98 -20.67
CA LEU A 162 -8.17 -33.78 -21.38
C LEU A 162 -7.50 -33.47 -22.73
N TYR A 163 -6.17 -33.54 -22.77
CA TYR A 163 -5.36 -33.08 -23.94
C TYR A 163 -4.41 -34.13 -24.55
N GLY A 164 -4.36 -35.33 -23.98
CA GLY A 164 -3.43 -36.36 -24.39
C GLY A 164 -1.97 -36.17 -24.00
N ALA A 165 -1.18 -37.24 -24.18
CA ALA A 165 0.24 -37.26 -23.83
C ALA A 165 1.12 -36.52 -24.83
N SER A 166 2.33 -36.18 -24.40
CA SER A 166 3.28 -35.46 -25.26
C SER A 166 3.54 -36.24 -26.55
N PRO A 167 3.56 -35.56 -27.72
CA PRO A 167 3.94 -36.25 -28.95
C PRO A 167 5.47 -36.46 -29.12
N ASP A 168 6.26 -35.50 -28.66
CA ASP A 168 7.74 -35.54 -28.77
C ASP A 168 8.36 -36.73 -28.00
N ASN B 3 1.05 25.51 -2.97
CA ASN B 3 0.98 24.78 -1.66
C ASN B 3 1.88 23.53 -1.62
N PHE B 4 2.37 23.18 -0.43
CA PHE B 4 3.31 22.06 -0.21
C PHE B 4 2.81 21.17 0.93
N PHE B 5 3.34 19.95 1.03
CA PHE B 5 2.97 19.06 2.13
C PHE B 5 3.50 19.66 3.42
N PRO B 6 2.83 19.37 4.56
CA PRO B 6 3.02 20.08 5.83
C PRO B 6 4.43 20.56 6.12
N ARG B 7 5.44 19.75 5.84
CA ARG B 7 6.81 20.21 6.07
C ARG B 7 7.76 20.06 4.88
N LYS B 8 7.31 20.50 3.70
CA LYS B 8 8.16 20.59 2.51
C LYS B 8 8.98 19.32 2.30
N PRO B 9 8.32 18.16 2.24
CA PRO B 9 9.11 17.00 1.97
C PRO B 9 9.47 17.13 0.50
N LYS B 10 10.74 16.88 0.20
CA LYS B 10 11.26 16.98 -1.14
C LYS B 10 12.27 15.87 -1.36
N TRP B 11 12.53 15.56 -2.63
CA TRP B 11 13.60 14.62 -2.99
C TRP B 11 14.95 15.26 -2.69
N ASP B 12 15.86 14.46 -2.14
CA ASP B 12 17.21 14.94 -1.82
C ASP B 12 18.20 14.79 -2.98
N LYS B 13 17.70 14.46 -4.17
CA LYS B 13 18.52 14.27 -5.38
C LYS B 13 17.79 14.75 -6.64
N ASN B 14 18.55 15.13 -7.65
CA ASN B 14 17.98 15.60 -8.92
C ASN B 14 17.81 14.50 -9.94
N GLN B 15 18.51 13.38 -9.75
CA GLN B 15 18.27 12.17 -10.53
C GLN B 15 17.31 11.20 -9.80
N ILE B 16 16.07 11.16 -10.26
CA ILE B 16 15.00 10.33 -9.69
C ILE B 16 14.70 9.16 -10.63
N THR B 17 14.63 7.96 -10.07
CA THR B 17 14.31 6.77 -10.85
C THR B 17 12.81 6.44 -10.79
N TYR B 18 12.26 5.92 -11.91
CA TYR B 18 10.89 5.41 -11.93
C TYR B 18 10.76 4.06 -12.59
N ARG B 19 9.71 3.31 -12.20
CA ARG B 19 9.50 1.97 -12.69
C ARG B 19 8.03 1.64 -12.79
N ILE B 20 7.59 1.29 -14.00
CA ILE B 20 6.22 0.89 -14.27
C ILE B 20 6.09 -0.55 -13.85
N ILE B 21 5.29 -0.81 -12.81
CA ILE B 21 5.10 -2.15 -12.23
C ILE B 21 4.09 -2.99 -13.03
N GLY B 22 3.03 -2.33 -13.50
CA GLY B 22 2.05 -2.95 -14.34
C GLY B 22 1.32 -1.94 -15.20
N TYR B 23 0.58 -2.47 -16.16
CA TYR B 23 -0.14 -1.65 -17.13
C TYR B 23 -1.65 -1.74 -16.96
N THR B 24 -2.36 -0.81 -17.61
CA THR B 24 -3.79 -1.00 -17.90
C THR B 24 -3.93 -1.76 -19.23
N PRO B 25 -4.91 -2.67 -19.34
CA PRO B 25 -5.32 -3.24 -20.64
C PRO B 25 -5.82 -2.23 -21.68
N ASP B 26 -6.39 -1.12 -21.22
CA ASP B 26 -6.94 -0.07 -22.08
C ASP B 26 -6.01 0.38 -23.22
N LEU B 27 -4.75 0.63 -22.88
CA LEU B 27 -3.77 1.21 -23.78
C LEU B 27 -2.61 0.26 -23.94
N ALA B 28 -1.99 0.24 -25.12
CA ALA B 28 -0.82 -0.59 -25.35
C ALA B 28 0.34 -0.15 -24.44
N PRO B 29 1.16 -1.11 -23.98
CA PRO B 29 2.24 -0.73 -23.08
C PRO B 29 3.13 0.41 -23.59
N GLU B 30 3.48 0.36 -24.87
CA GLU B 30 4.30 1.41 -25.51
C GLU B 30 3.71 2.81 -25.31
N THR B 31 2.39 2.87 -25.42
CA THR B 31 1.63 4.10 -25.27
C THR B 31 1.58 4.60 -23.82
N VAL B 32 1.63 3.66 -22.88
CA VAL B 32 1.69 3.98 -21.48
C VAL B 32 3.09 4.48 -21.08
N ASP B 33 4.12 3.78 -21.54
CA ASP B 33 5.50 4.19 -21.34
C ASP B 33 5.75 5.58 -21.92
N ASP B 34 5.06 5.90 -23.00
CA ASP B 34 5.14 7.21 -23.62
C ASP B 34 4.52 8.27 -22.74
N ALA B 35 3.30 8.00 -22.29
CA ALA B 35 2.51 8.96 -21.55
C ALA B 35 3.17 9.35 -20.22
N PHE B 36 3.72 8.34 -19.52
CA PHE B 36 4.43 8.61 -18.27
C PHE B 36 5.73 9.38 -18.53
N ALA B 37 6.40 9.10 -19.63
CA ALA B 37 7.64 9.80 -19.97
C ALA B 37 7.39 11.26 -20.32
N ARG B 38 6.24 11.58 -20.89
CA ARG B 38 5.89 12.98 -21.20
C ARG B 38 5.40 13.71 -19.96
N ALA B 39 4.64 13.02 -19.13
CA ALA B 39 4.25 13.54 -17.83
C ALA B 39 5.44 13.87 -16.98
N PHE B 40 6.49 13.08 -17.09
CA PHE B 40 7.76 13.38 -16.39
C PHE B 40 8.50 14.59 -16.97
N GLN B 41 8.40 14.78 -18.27
CA GLN B 41 9.07 15.89 -18.96
C GLN B 41 8.58 17.26 -18.53
N VAL B 42 7.27 17.39 -18.29
CA VAL B 42 6.66 18.67 -17.89
C VAL B 42 7.37 19.27 -16.68
N TRP B 43 7.80 18.43 -15.73
CA TRP B 43 8.57 18.91 -14.57
C TRP B 43 10.08 19.04 -14.85
N SER B 44 10.62 18.18 -15.72
CA SER B 44 12.02 18.31 -16.18
C SER B 44 12.31 19.65 -16.89
N ASP B 45 11.36 20.08 -17.73
CA ASP B 45 11.42 21.34 -18.46
C ASP B 45 11.84 22.51 -17.61
N VAL B 46 11.23 22.60 -16.43
CA VAL B 46 11.28 23.80 -15.59
C VAL B 46 12.09 23.62 -14.30
N THR B 47 12.77 22.49 -14.15
CA THR B 47 13.59 22.18 -12.97
C THR B 47 14.87 21.44 -13.39
N PRO B 48 15.83 21.22 -12.44
CA PRO B 48 16.94 20.29 -12.69
C PRO B 48 16.57 18.81 -12.43
N LEU B 49 15.27 18.51 -12.34
CA LEU B 49 14.80 17.14 -12.06
C LEU B 49 14.88 16.28 -13.31
N ARG B 50 15.80 15.31 -13.30
CA ARG B 50 16.00 14.36 -14.41
C ARG B 50 15.48 12.98 -14.00
N PHE B 51 14.70 12.36 -14.88
CA PHE B 51 14.07 11.07 -14.58
C PHE B 51 14.54 9.94 -15.47
N SER B 52 14.95 8.82 -14.88
CA SER B 52 15.28 7.63 -15.67
C SER B 52 14.34 6.46 -15.32
N ARG B 53 13.86 5.80 -16.37
CA ARG B 53 13.15 4.56 -16.25
C ARG B 53 14.14 3.45 -15.92
N ILE B 54 13.84 2.67 -14.89
CA ILE B 54 14.52 1.41 -14.64
C ILE B 54 13.53 0.28 -14.82
N TYR B 55 14.06 -0.93 -15.00
CA TYR B 55 13.26 -2.09 -15.35
C TYR B 55 13.27 -3.24 -14.32
N ASP B 56 14.27 -3.28 -13.45
CA ASP B 56 14.22 -4.10 -12.25
C ASP B 56 14.68 -3.30 -11.05
N GLY B 57 14.58 -3.89 -9.86
CA GLY B 57 14.94 -3.21 -8.62
C GLY B 57 13.95 -2.16 -8.14
N GLU B 58 14.25 -1.55 -7.00
CA GLU B 58 13.38 -0.56 -6.38
C GLU B 58 13.72 0.82 -6.94
N ALA B 59 12.69 1.51 -7.40
CA ALA B 59 12.78 2.87 -7.90
C ALA B 59 12.26 3.80 -6.84
N ASP B 60 12.55 5.07 -7.05
CA ASP B 60 12.08 6.14 -6.15
C ASP B 60 10.57 6.28 -6.36
N ILE B 61 10.16 6.32 -7.63
CA ILE B 61 8.77 6.30 -7.96
C ILE B 61 8.36 4.98 -8.59
N MET B 62 7.56 4.22 -7.84
CA MET B 62 6.97 3.00 -8.29
C MET B 62 5.54 3.26 -8.79
N ILE B 63 5.33 3.02 -10.08
CA ILE B 63 4.06 3.29 -10.77
C ILE B 63 3.31 2.02 -10.96
N ASN B 64 2.02 2.05 -10.62
CA ASN B 64 1.19 0.88 -10.86
C ASN B 64 -0.26 1.29 -11.10
N PHE B 65 -1.01 0.37 -11.71
CA PHE B 65 -2.47 0.45 -11.75
C PHE B 65 -3.09 -0.50 -10.73
N GLY B 66 -4.11 -0.02 -10.02
CA GLY B 66 -4.89 -0.87 -9.10
C GLY B 66 -6.35 -0.45 -9.03
N ARG B 67 -7.10 -1.13 -8.16
CA ARG B 67 -8.45 -0.67 -7.85
C ARG B 67 -8.89 -1.05 -6.45
N TRP B 68 -9.82 -0.25 -5.91
CA TRP B 68 -10.38 -0.39 -4.56
C TRP B 68 -9.26 -0.49 -3.54
N GLU B 69 -9.32 -1.45 -2.62
CA GLU B 69 -8.21 -1.59 -1.66
C GLU B 69 -7.08 -2.24 -2.45
N HIS B 70 -5.91 -1.59 -2.47
CA HIS B 70 -4.78 -2.07 -3.25
C HIS B 70 -3.41 -2.08 -2.56
N GLY B 71 -3.42 -2.08 -1.22
CA GLY B 71 -2.25 -2.38 -0.39
C GLY B 71 -1.51 -1.25 0.30
N ASP B 72 -2.07 -0.04 0.26
CA ASP B 72 -1.41 1.16 0.83
C ASP B 72 -2.25 1.96 1.83
N GLY B 73 -3.45 1.45 2.12
CA GLY B 73 -4.35 2.10 3.01
C GLY B 73 -5.26 3.13 2.40
N TYR B 74 -5.00 3.62 1.20
CA TYR B 74 -5.86 4.63 0.57
C TYR B 74 -6.58 4.00 -0.64
N PRO B 75 -7.78 3.42 -0.44
CA PRO B 75 -8.44 2.67 -1.51
C PRO B 75 -8.98 3.53 -2.62
N PHE B 76 -9.25 2.93 -3.77
CA PHE B 76 -9.88 3.57 -4.92
C PHE B 76 -11.39 3.26 -4.89
N ASP B 77 -12.12 3.73 -5.90
CA ASP B 77 -13.58 3.75 -5.81
C ASP B 77 -14.27 3.59 -7.17
N GLY B 78 -13.78 2.65 -7.99
CA GLY B 78 -14.41 2.35 -9.28
C GLY B 78 -14.44 3.50 -10.28
N LYS B 79 -15.36 3.37 -11.23
CA LYS B 79 -15.48 4.32 -12.30
C LYS B 79 -15.70 5.70 -11.72
N ASP B 80 -14.91 6.65 -12.21
CA ASP B 80 -14.90 8.06 -11.79
C ASP B 80 -14.43 8.24 -10.32
N GLY B 81 -14.78 9.35 -9.66
CA GLY B 81 -14.29 9.63 -8.31
C GLY B 81 -12.79 9.91 -8.41
N LEU B 82 -12.03 9.28 -7.51
CA LEU B 82 -10.55 9.29 -7.58
C LEU B 82 -10.09 8.61 -8.84
N LEU B 83 -9.09 9.20 -9.48
CA LEU B 83 -8.48 8.69 -10.71
C LEU B 83 -7.11 8.08 -10.45
N ALA B 84 -6.34 8.74 -9.61
CA ALA B 84 -5.01 8.33 -9.25
C ALA B 84 -4.59 9.03 -8.00
N HIS B 85 -3.54 8.57 -7.37
CA HIS B 85 -2.90 9.30 -6.25
C HIS B 85 -1.40 9.03 -6.19
N ALA B 86 -0.70 9.82 -5.39
CA ALA B 86 0.72 9.69 -5.21
C ALA B 86 1.20 10.13 -3.82
N PHE B 87 2.20 9.44 -3.31
CA PHE B 87 2.80 9.79 -2.03
C PHE B 87 3.86 10.86 -2.21
N ALA B 88 3.92 11.78 -1.25
CA ALA B 88 4.96 12.79 -1.18
C ALA B 88 6.33 12.13 -1.23
N PRO B 89 7.37 12.90 -1.57
CA PRO B 89 8.70 12.32 -1.57
C PRO B 89 9.07 11.65 -0.25
N GLY B 90 9.84 10.59 -0.34
CA GLY B 90 10.29 9.85 0.81
C GLY B 90 10.79 8.46 0.45
N THR B 91 11.22 7.77 1.49
CA THR B 91 11.70 6.40 1.44
C THR B 91 10.52 5.45 1.26
N GLY B 92 10.83 4.27 0.72
CA GLY B 92 9.83 3.25 0.45
C GLY B 92 8.66 3.76 -0.39
N VAL B 93 7.51 3.83 0.26
CA VAL B 93 6.24 4.19 -0.39
C VAL B 93 6.28 5.64 -0.89
N GLY B 94 7.18 6.46 -0.31
CA GLY B 94 7.37 7.82 -0.75
C GLY B 94 7.59 7.92 -2.22
N GLY B 95 6.82 8.77 -2.89
CA GLY B 95 6.95 8.97 -4.31
C GLY B 95 6.13 8.03 -5.20
N ASP B 96 5.60 6.96 -4.63
CA ASP B 96 4.92 5.95 -5.41
C ASP B 96 3.59 6.54 -5.93
N SER B 97 3.22 6.16 -7.15
CA SER B 97 2.12 6.78 -7.89
C SER B 97 1.25 5.68 -8.45
N HIS B 98 -0.02 5.66 -8.04
CA HIS B 98 -0.95 4.61 -8.44
C HIS B 98 -2.08 5.22 -9.29
N PHE B 99 -2.65 4.39 -10.16
CA PHE B 99 -3.72 4.80 -11.09
C PHE B 99 -4.90 3.84 -11.03
N ASP B 100 -6.11 4.39 -11.08
CA ASP B 100 -7.31 3.59 -10.87
C ASP B 100 -7.70 2.84 -12.15
N ASP B 101 -7.55 1.52 -12.08
CA ASP B 101 -7.75 0.66 -13.26
C ASP B 101 -9.24 0.52 -13.65
N ASP B 102 -10.13 1.07 -12.83
CA ASP B 102 -11.54 1.12 -13.16
C ASP B 102 -11.90 2.35 -13.97
N GLU B 103 -10.92 3.19 -14.29
CA GLU B 103 -11.11 4.32 -15.20
C GLU B 103 -10.79 3.88 -16.63
N LEU B 104 -11.47 4.49 -17.58
CA LEU B 104 -11.18 4.22 -18.99
C LEU B 104 -10.05 5.13 -19.40
N TRP B 105 -8.84 4.59 -19.43
CA TRP B 105 -7.67 5.39 -19.76
C TRP B 105 -7.51 5.54 -21.26
N THR B 106 -7.38 6.79 -21.70
CA THR B 106 -7.27 7.14 -23.12
C THR B 106 -6.17 8.18 -23.26
N LEU B 107 -5.91 8.61 -24.50
CA LEU B 107 -4.97 9.71 -24.78
C LEU B 107 -5.46 10.62 -25.89
N GLY B 108 -5.30 11.93 -25.65
CA GLY B 108 -5.68 12.95 -26.59
C GLY B 108 -7.11 12.83 -27.09
N LYS B 109 -8.06 12.53 -26.19
CA LYS B 109 -9.47 12.33 -26.55
C LYS B 109 -10.39 13.01 -25.54
N GLY B 110 -11.64 13.18 -25.94
CA GLY B 110 -12.67 13.71 -25.06
C GLY B 110 -13.23 12.65 -24.12
N VAL B 111 -13.53 11.46 -24.64
CA VAL B 111 -13.97 10.31 -23.83
C VAL B 111 -12.91 9.89 -22.80
N GLY B 112 -13.37 9.33 -21.68
CA GLY B 112 -12.48 8.83 -20.63
C GLY B 112 -11.57 9.89 -20.02
N TYR B 113 -10.38 9.48 -19.59
CA TYR B 113 -9.36 10.39 -19.03
C TYR B 113 -8.01 10.18 -19.70
N SER B 114 -7.26 11.27 -19.79
CA SER B 114 -5.91 11.24 -20.33
C SER B 114 -4.99 10.74 -19.26
N LEU B 115 -4.34 9.62 -19.57
CA LEU B 115 -3.27 9.10 -18.72
C LEU B 115 -2.13 10.12 -18.55
N PHE B 116 -1.87 10.92 -19.57
CA PHE B 116 -0.78 11.89 -19.56
C PHE B 116 -1.07 13.03 -18.59
N LEU B 117 -2.30 13.55 -18.68
CA LEU B 117 -2.73 14.67 -17.84
C LEU B 117 -2.89 14.23 -16.40
N VAL B 118 -3.62 13.14 -16.17
CA VAL B 118 -3.80 12.62 -14.81
C VAL B 118 -2.47 12.22 -14.13
N ALA B 119 -1.50 11.76 -14.93
CA ALA B 119 -0.18 11.39 -14.40
C ALA B 119 0.69 12.59 -14.10
N ALA B 120 0.73 13.56 -15.02
CA ALA B 120 1.50 14.78 -14.79
C ALA B 120 1.05 15.46 -13.49
N HIS B 121 -0.27 15.51 -13.26
CA HIS B 121 -0.81 16.01 -12.00
C HIS B 121 -0.44 15.13 -10.80
N ALA B 122 -0.46 13.82 -10.99
CA ALA B 122 -0.08 12.90 -9.92
C ALA B 122 1.40 12.97 -9.56
N PHE B 123 2.25 13.12 -10.57
CA PHE B 123 3.70 13.23 -10.35
C PHE B 123 4.06 14.59 -9.72
N GLY B 124 3.15 15.57 -9.86
CA GLY B 124 3.19 16.80 -9.05
C GLY B 124 3.19 16.57 -7.55
N HIS B 125 2.29 15.69 -7.09
CA HIS B 125 2.24 15.31 -5.68
C HIS B 125 3.49 14.54 -5.26
N ALA B 126 3.98 13.66 -6.12
CA ALA B 126 5.19 12.88 -5.83
C ALA B 126 6.49 13.69 -5.80
N MET B 127 6.45 14.94 -6.26
CA MET B 127 7.58 15.86 -6.11
C MET B 127 7.50 16.78 -4.92
N GLY B 128 6.34 16.80 -4.26
CA GLY B 128 6.13 17.59 -3.03
C GLY B 128 5.12 18.72 -3.12
N LEU B 129 4.26 18.71 -4.15
CA LEU B 129 3.28 19.79 -4.35
C LEU B 129 1.87 19.38 -3.97
N GLU B 130 1.20 20.24 -3.23
CA GLU B 130 -0.22 20.09 -2.87
C GLU B 130 -1.02 20.78 -3.97
N HIS B 131 -2.31 20.96 -3.73
CA HIS B 131 -3.18 21.56 -4.73
C HIS B 131 -3.04 23.10 -4.83
N SER B 132 -3.37 23.61 -6.02
CA SER B 132 -3.27 25.02 -6.33
C SER B 132 -4.63 25.67 -6.23
N GLN B 133 -4.61 26.99 -6.04
CA GLN B 133 -5.83 27.79 -5.88
C GLN B 133 -6.40 28.27 -7.22
N ASP B 134 -5.53 28.36 -8.23
CA ASP B 134 -5.95 28.74 -9.58
C ASP B 134 -6.67 27.59 -10.27
N PRO B 135 -7.94 27.82 -10.71
CA PRO B 135 -8.75 26.81 -11.42
C PRO B 135 -8.23 26.33 -12.80
N GLY B 136 -7.40 27.13 -13.48
CA GLY B 136 -6.81 26.72 -14.77
C GLY B 136 -5.41 26.09 -14.72
N ALA B 137 -4.99 25.57 -13.54
CA ALA B 137 -3.64 24.99 -13.34
C ALA B 137 -3.64 23.45 -13.44
N LEU B 138 -2.45 22.85 -13.44
CA LEU B 138 -2.32 21.39 -13.45
C LEU B 138 -2.51 20.79 -12.05
N MET B 139 -2.08 21.50 -11.02
CA MET B 139 -2.25 21.01 -9.65
C MET B 139 -3.61 21.34 -9.06
N ALA B 140 -4.53 21.83 -9.88
CA ALA B 140 -5.89 22.05 -9.44
C ALA B 140 -6.52 20.70 -9.12
N PRO B 141 -7.33 20.62 -8.07
CA PRO B 141 -7.99 19.34 -7.77
C PRO B 141 -8.95 18.77 -8.84
N ILE B 142 -9.36 19.59 -9.80
CA ILE B 142 -10.43 19.25 -10.72
C ILE B 142 -9.77 18.69 -11.96
N TYR B 143 -10.44 17.76 -12.65
CA TYR B 143 -9.97 17.29 -13.96
C TYR B 143 -10.48 18.17 -15.09
N THR B 144 -9.55 18.68 -15.91
CA THR B 144 -9.85 19.45 -17.11
C THR B 144 -8.94 18.97 -18.27
N TYR B 145 -9.57 18.43 -19.32
CA TYR B 145 -8.86 17.90 -20.49
C TYR B 145 -8.45 19.00 -21.48
N THR B 146 -7.20 19.45 -21.44
CA THR B 146 -6.72 20.46 -22.40
C THR B 146 -6.17 19.75 -23.63
N LYS B 147 -6.49 20.30 -24.80
CA LYS B 147 -6.07 19.69 -26.08
C LYS B 147 -4.56 19.87 -26.32
N ASN B 148 -4.04 21.03 -25.95
CA ASN B 148 -2.62 21.33 -25.99
C ASN B 148 -2.23 21.80 -24.61
N PHE B 149 -1.53 20.96 -23.87
CA PHE B 149 -1.24 21.25 -22.49
C PHE B 149 -0.04 22.18 -22.34
N ARG B 150 -0.14 23.13 -21.41
CA ARG B 150 0.99 23.94 -20.99
C ARG B 150 0.91 24.12 -19.50
N LEU B 151 2.07 24.05 -18.84
CA LEU B 151 2.13 24.28 -17.40
C LEU B 151 1.72 25.71 -17.10
N SER B 152 0.86 25.88 -16.09
CA SER B 152 0.49 27.21 -15.64
C SER B 152 1.66 27.75 -14.84
N GLN B 153 1.73 29.08 -14.78
CA GLN B 153 2.75 29.79 -14.00
C GLN B 153 2.75 29.46 -12.51
N ASP B 154 1.57 29.23 -11.95
CA ASP B 154 1.43 28.86 -10.53
C ASP B 154 2.28 27.64 -10.21
N ASP B 155 2.14 26.62 -11.05
CA ASP B 155 2.83 25.33 -10.87
C ASP B 155 4.35 25.47 -10.99
N ILE B 156 4.78 26.33 -11.91
CA ILE B 156 6.20 26.59 -12.16
C ILE B 156 6.89 27.19 -10.93
N LYS B 157 6.27 28.23 -10.35
CA LYS B 157 6.86 28.88 -9.18
C LYS B 157 6.79 27.97 -7.96
N GLY B 158 5.77 27.11 -7.95
CA GLY B 158 5.56 26.15 -6.89
C GLY B 158 6.66 25.12 -6.89
N ILE B 159 6.89 24.51 -8.04
CA ILE B 159 7.94 23.49 -8.17
C ILE B 159 9.36 24.05 -7.99
N GLN B 160 9.62 25.25 -8.52
CA GLN B 160 10.95 25.88 -8.44
C GLN B 160 11.30 26.37 -7.06
N GLU B 161 10.31 26.50 -6.17
CA GLU B 161 10.56 26.78 -4.75
C GLU B 161 11.39 25.67 -4.08
N LEU B 162 11.12 24.42 -4.47
CA LEU B 162 11.74 23.23 -3.86
C LEU B 162 13.06 22.84 -4.51
N TYR B 163 13.07 22.81 -5.83
CA TYR B 163 14.20 22.26 -6.59
C TYR B 163 14.86 23.26 -7.51
N GLY B 164 14.28 24.44 -7.68
CA GLY B 164 14.86 25.50 -8.52
C GLY B 164 14.44 25.40 -9.97
N ALA B 165 14.90 26.38 -10.76
CA ALA B 165 14.68 26.42 -12.21
C ALA B 165 15.78 25.67 -12.92
N SER B 166 15.64 25.48 -14.23
CA SER B 166 16.60 24.68 -15.00
C SER B 166 17.90 25.45 -15.22
N PRO B 167 19.06 24.76 -15.24
CA PRO B 167 20.29 25.42 -15.70
C PRO B 167 20.42 25.39 -17.24
N TYR C 2 -12.51 0.11 16.45
CA TYR C 2 -11.07 0.48 16.51
C TYR C 2 -10.41 0.49 15.12
N ASN C 3 -9.49 1.43 14.92
CA ASN C 3 -8.85 1.63 13.61
C ASN C 3 -7.37 2.00 13.74
N PHE C 4 -6.62 1.75 12.67
CA PHE C 4 -5.19 2.07 12.59
C PHE C 4 -4.90 3.04 11.46
N PHE C 5 -3.64 3.47 11.39
CA PHE C 5 -3.17 4.24 10.26
C PHE C 5 -3.12 3.32 9.02
N PRO C 6 -3.17 3.91 7.81
CA PRO C 6 -3.19 3.25 6.48
C PRO C 6 -2.51 1.87 6.27
N ARG C 7 -1.23 1.74 6.59
CA ARG C 7 -0.53 0.47 6.38
C ARG C 7 -0.34 -0.31 7.67
N LYS C 8 -0.97 0.16 8.74
CA LYS C 8 -0.70 -0.29 10.11
C LYS C 8 0.78 -0.15 10.56
N PRO C 9 1.33 1.08 10.55
CA PRO C 9 2.65 1.30 11.14
C PRO C 9 2.67 0.87 12.59
N LYS C 10 3.78 0.30 13.03
CA LYS C 10 3.94 -0.17 14.40
C LYS C 10 5.41 -0.18 14.78
N TRP C 11 5.65 -0.34 16.07
CA TRP C 11 7.01 -0.39 16.60
C TRP C 11 7.54 -1.81 16.50
N ASP C 12 8.76 -1.99 15.98
CA ASP C 12 9.28 -3.36 15.78
C ASP C 12 10.23 -3.70 16.93
N LYS C 13 9.70 -3.57 18.13
CA LYS C 13 10.43 -3.79 19.38
C LYS C 13 9.46 -3.60 20.52
N ASN C 14 9.88 -3.99 21.72
CA ASN C 14 9.11 -3.77 22.93
C ASN C 14 9.77 -2.74 23.85
N GLN C 15 11.10 -2.64 23.86
CA GLN C 15 11.79 -1.55 24.56
C GLN C 15 11.72 -0.22 23.80
N ILE C 16 11.01 0.74 24.40
CA ILE C 16 10.82 2.08 23.82
C ILE C 16 11.33 3.14 24.81
N THR C 17 12.39 3.85 24.41
CA THR C 17 13.01 4.85 25.26
C THR C 17 12.46 6.26 24.94
N TYR C 18 11.85 6.93 25.94
CA TYR C 18 11.30 8.32 25.81
C TYR C 18 12.14 9.35 26.61
N ARG C 19 12.20 10.58 26.09
CA ARG C 19 12.90 11.69 26.74
C ARG C 19 12.01 12.92 26.69
N ILE C 20 11.88 13.60 27.83
CA ILE C 20 11.09 14.83 27.92
C ILE C 20 12.07 16.00 27.83
N ILE C 21 11.84 16.89 26.87
CA ILE C 21 12.77 17.97 26.57
C ILE C 21 12.33 19.24 27.29
N GLY C 22 11.04 19.55 27.21
CA GLY C 22 10.46 20.75 27.83
C GLY C 22 9.37 20.44 28.83
N TYR C 23 9.19 21.39 29.75
CA TYR C 23 8.20 21.27 30.82
C TYR C 23 7.20 22.40 30.75
N THR C 24 6.01 22.06 31.24
CA THR C 24 4.92 22.98 31.33
C THR C 24 5.14 23.78 32.63
N PRO C 25 4.67 25.02 32.66
CA PRO C 25 4.71 25.75 33.93
C PRO C 25 3.42 25.58 34.75
N ASP C 26 2.41 24.95 34.17
CA ASP C 26 1.15 24.63 34.87
C ASP C 26 1.36 23.60 35.99
N LEU C 27 2.20 22.59 35.77
CA LEU C 27 2.48 21.55 36.77
C LEU C 27 3.97 21.38 37.03
N ALA C 28 4.32 20.95 38.24
CA ALA C 28 5.71 20.84 38.68
C ALA C 28 6.44 19.79 37.84
N PRO C 29 7.70 20.05 37.44
CA PRO C 29 8.54 19.09 36.69
C PRO C 29 8.51 17.64 37.21
N GLU C 30 8.24 17.46 38.51
CA GLU C 30 8.16 16.13 39.13
C GLU C 30 6.75 15.52 38.93
N THR C 31 5.72 16.36 38.97
CA THR C 31 4.34 15.96 38.64
C THR C 31 4.19 15.61 37.16
N VAL C 32 4.98 16.31 36.32
CA VAL C 32 5.00 16.14 34.86
C VAL C 32 5.56 14.75 34.49
N ASP C 33 6.65 14.33 35.15
CA ASP C 33 7.27 13.02 34.94
C ASP C 33 6.25 11.89 35.20
N ASP C 34 5.51 12.04 36.30
CA ASP C 34 4.51 11.04 36.72
C ASP C 34 3.29 10.99 35.81
N ALA C 35 2.95 12.12 35.20
CA ALA C 35 1.82 12.21 34.27
C ALA C 35 2.03 11.39 32.99
N PHE C 36 3.26 11.44 32.45
CA PHE C 36 3.64 10.69 31.24
C PHE C 36 3.91 9.21 31.55
N ALA C 37 4.69 8.96 32.58
CA ALA C 37 5.03 7.58 32.99
C ALA C 37 3.80 6.69 33.18
N ARG C 38 2.75 7.25 33.77
CA ARG C 38 1.49 6.54 33.96
C ARG C 38 0.72 6.41 32.64
N ALA C 39 0.88 7.41 31.77
CA ALA C 39 0.20 7.42 30.47
C ALA C 39 0.82 6.44 29.47
N PHE C 40 2.06 6.05 29.71
CA PHE C 40 2.67 4.90 29.05
C PHE C 40 2.18 3.59 29.67
N GLN C 41 2.12 3.59 31.00
CA GLN C 41 1.71 2.42 31.80
C GLN C 41 0.28 1.94 31.52
N VAL C 42 -0.59 2.80 31.00
CA VAL C 42 -1.96 2.41 30.62
C VAL C 42 -1.98 1.52 29.38
N TRP C 43 -0.90 1.56 28.62
CA TRP C 43 -0.68 0.66 27.49
C TRP C 43 0.21 -0.55 27.80
N SER C 44 1.19 -0.37 28.69
CA SER C 44 2.08 -1.44 29.15
C SER C 44 1.36 -2.61 29.82
N ASP C 45 0.20 -2.34 30.37
CA ASP C 45 -0.55 -3.34 31.12
C ASP C 45 -1.53 -4.16 30.23
N VAL C 46 -1.53 -3.95 28.92
CA VAL C 46 -2.28 -4.81 27.97
C VAL C 46 -1.44 -5.37 26.80
N THR C 47 -0.17 -4.96 26.71
CA THR C 47 0.74 -5.40 25.65
C THR C 47 2.13 -5.59 26.21
N PRO C 48 2.98 -6.36 25.50
CA PRO C 48 4.34 -6.52 25.97
C PRO C 48 5.26 -5.27 25.78
N LEU C 49 4.69 -4.09 25.59
CA LEU C 49 5.47 -2.87 25.40
C LEU C 49 5.92 -2.27 26.73
N ARG C 50 7.19 -1.95 26.86
CA ARG C 50 7.70 -1.32 28.08
C ARG C 50 8.55 -0.12 27.72
N PHE C 51 8.46 0.93 28.53
CA PHE C 51 9.11 2.21 28.25
C PHE C 51 10.12 2.56 29.34
N SER C 52 11.25 3.15 28.91
CA SER C 52 12.28 3.66 29.81
C SER C 52 12.46 5.12 29.47
N ARG C 53 13.07 5.89 30.37
CA ARG C 53 13.35 7.30 30.10
C ARG C 53 14.85 7.57 30.00
N ILE C 54 15.25 8.41 29.03
CA ILE C 54 16.66 8.78 28.87
C ILE C 54 16.85 10.28 29.13
N TYR C 55 18.06 10.61 29.57
CA TYR C 55 18.45 11.97 29.92
C TYR C 55 19.46 12.59 28.93
N ASP C 56 19.58 11.99 27.75
CA ASP C 56 20.42 12.53 26.67
C ASP C 56 20.26 11.74 25.36
N GLY C 57 20.74 12.35 24.29
CA GLY C 57 20.78 11.71 22.98
C GLY C 57 19.47 11.85 22.22
N GLU C 58 19.12 10.80 21.49
CA GLU C 58 17.88 10.73 20.76
C GLU C 58 17.05 9.60 21.37
N ALA C 59 15.75 9.84 21.51
CA ALA C 59 14.83 8.84 22.04
C ALA C 59 13.68 8.60 21.09
N ASP C 60 13.04 7.45 21.24
CA ASP C 60 11.94 7.06 20.39
C ASP C 60 10.90 8.15 20.42
N ILE C 61 10.36 8.40 21.61
CA ILE C 61 9.30 9.35 21.80
C ILE C 61 9.86 10.60 22.46
N MET C 62 10.15 11.61 21.65
CA MET C 62 10.54 12.93 22.14
C MET C 62 9.30 13.70 22.55
N ILE C 63 9.26 14.08 23.83
CA ILE C 63 8.12 14.79 24.42
C ILE C 63 8.52 16.24 24.75
N ASN C 64 7.70 17.18 24.29
CA ASN C 64 7.90 18.61 24.52
C ASN C 64 6.55 19.32 24.57
N PHE C 65 6.59 20.62 24.85
CA PHE C 65 5.43 21.50 24.79
C PHE C 65 5.67 22.61 23.76
N GLY C 66 4.58 23.11 23.19
CA GLY C 66 4.65 24.19 22.21
C GLY C 66 3.31 24.84 21.93
N ARG C 67 3.34 26.12 21.52
CA ARG C 67 2.13 26.82 21.08
C ARG C 67 2.18 27.11 19.58
N TRP C 68 1.01 27.01 18.95
CA TRP C 68 0.83 27.21 17.51
C TRP C 68 1.78 26.31 16.70
N GLU C 69 2.53 26.89 15.75
CA GLU C 69 3.47 26.16 14.92
C GLU C 69 4.80 26.20 15.66
N HIS C 70 5.32 25.02 15.97
CA HIS C 70 6.51 24.90 16.83
C HIS C 70 7.73 24.31 16.10
N GLY C 71 7.65 24.26 14.76
CA GLY C 71 8.75 23.82 13.90
C GLY C 71 8.76 22.33 13.57
N ASP C 72 7.59 21.76 13.28
CA ASP C 72 7.49 20.38 12.77
C ASP C 72 6.43 20.16 11.67
N GLY C 73 5.78 21.23 11.21
CA GLY C 73 4.79 21.16 10.15
C GLY C 73 3.33 21.28 10.57
N TYR C 74 3.01 20.98 11.83
CA TYR C 74 1.62 21.00 12.28
C TYR C 74 1.40 22.04 13.39
N PRO C 75 0.60 23.10 13.10
CA PRO C 75 0.36 24.17 14.08
C PRO C 75 -0.80 23.89 15.03
N PHE C 76 -0.61 24.21 16.31
CA PHE C 76 -1.70 24.24 17.30
C PHE C 76 -2.61 25.47 17.15
N ASP C 77 -3.71 25.53 17.91
CA ASP C 77 -4.74 26.57 17.72
C ASP C 77 -5.25 27.18 19.03
N GLY C 78 -4.31 27.50 19.92
CA GLY C 78 -4.62 28.10 21.21
C GLY C 78 -5.49 27.20 22.06
N LYS C 79 -6.47 27.81 22.73
CA LYS C 79 -7.42 27.08 23.55
C LYS C 79 -8.34 26.23 22.67
N ASP C 80 -8.65 25.02 23.13
CA ASP C 80 -9.60 24.08 22.52
C ASP C 80 -9.09 23.52 21.20
N GLY C 81 -9.99 22.87 20.44
CA GLY C 81 -9.65 22.27 19.18
C GLY C 81 -8.61 21.23 19.51
N LEU C 82 -7.34 21.61 19.32
CA LEU C 82 -6.22 20.76 19.61
C LEU C 82 -5.55 21.11 20.96
N LEU C 83 -5.45 20.07 21.77
CA LEU C 83 -4.75 20.04 23.05
C LEU C 83 -3.36 19.41 22.85
N ALA C 84 -3.29 18.32 22.08
CA ALA C 84 -2.01 17.70 21.76
C ALA C 84 -2.08 16.88 20.49
N HIS C 85 -0.89 16.56 19.95
CA HIS C 85 -0.78 15.62 18.82
C HIS C 85 0.47 14.72 18.91
N ALA C 86 0.48 13.66 18.10
CA ALA C 86 1.60 12.73 18.03
C ALA C 86 1.68 12.04 16.66
N PHE C 87 2.92 11.78 16.22
CA PHE C 87 3.20 11.07 14.96
C PHE C 87 3.10 9.55 15.16
N ALA C 88 2.61 8.86 14.13
CA ALA C 88 2.54 7.40 14.13
C ALA C 88 3.92 6.76 14.30
N PRO C 89 3.98 5.47 14.69
CA PRO C 89 5.26 4.81 14.86
C PRO C 89 6.09 4.91 13.59
N GLY C 90 7.38 5.22 13.76
CA GLY C 90 8.28 5.52 12.64
C GLY C 90 9.55 6.22 13.07
N THR C 91 10.50 6.31 12.15
CA THR C 91 11.82 6.86 12.43
C THR C 91 11.75 8.38 12.50
N GLY C 92 12.75 8.99 13.16
CA GLY C 92 12.95 10.44 13.14
C GLY C 92 12.01 11.16 14.08
N VAL C 93 10.93 11.68 13.53
CA VAL C 93 9.89 12.36 14.31
C VAL C 93 8.67 11.47 14.55
N GLY C 94 8.63 10.30 13.94
CA GLY C 94 7.58 9.32 14.22
C GLY C 94 7.64 8.92 15.69
N GLY C 95 6.49 8.93 16.35
CA GLY C 95 6.40 8.63 17.80
C GLY C 95 6.59 9.81 18.75
N ASP C 96 7.12 10.93 18.25
CA ASP C 96 7.20 12.17 19.02
C ASP C 96 5.81 12.69 19.38
N SER C 97 5.69 13.20 20.61
CA SER C 97 4.42 13.64 21.18
C SER C 97 4.59 15.02 21.78
N HIS C 98 3.83 15.97 21.25
CA HIS C 98 3.88 17.37 21.69
C HIS C 98 2.51 17.78 22.23
N PHE C 99 2.53 18.71 23.18
CA PHE C 99 1.32 19.17 23.86
C PHE C 99 1.18 20.68 23.76
N ASP C 100 -0.06 21.16 23.61
CA ASP C 100 -0.32 22.59 23.44
C ASP C 100 -0.11 23.33 24.76
N ASP C 101 0.75 24.34 24.75
CA ASP C 101 1.06 25.17 25.93
C ASP C 101 -0.06 26.20 26.21
N ASP C 102 -0.86 26.55 25.19
CA ASP C 102 -2.04 27.43 25.36
C ASP C 102 -3.29 26.69 25.88
N GLU C 103 -3.10 25.60 26.62
CA GLU C 103 -4.18 24.89 27.29
C GLU C 103 -3.93 24.83 28.80
N LEU C 104 -5.01 24.66 29.55
CA LEU C 104 -4.97 24.55 31.01
C LEU C 104 -4.65 23.11 31.41
N TRP C 105 -3.35 22.84 31.59
CA TRP C 105 -2.86 21.52 32.02
C TRP C 105 -3.03 21.29 33.53
N THR C 106 -3.85 20.30 33.88
CA THR C 106 -4.13 19.95 35.26
C THR C 106 -4.13 18.43 35.43
N LEU C 107 -4.39 17.98 36.66
CA LEU C 107 -4.61 16.58 36.96
C LEU C 107 -5.89 16.40 37.74
N GLY C 108 -6.56 15.26 37.54
CA GLY C 108 -7.70 14.90 38.35
C GLY C 108 -8.72 16.03 38.50
N LYS C 109 -9.20 16.52 37.36
CA LYS C 109 -10.16 17.62 37.32
C LYS C 109 -11.10 17.49 36.15
N GLY C 110 -12.40 17.71 36.40
CA GLY C 110 -13.36 17.99 35.35
C GLY C 110 -13.23 19.41 34.82
N VAL C 111 -12.53 20.27 35.58
CA VAL C 111 -12.31 21.69 35.25
C VAL C 111 -10.89 21.97 34.70
N GLY C 112 -10.82 22.40 33.44
CA GLY C 112 -9.57 22.48 32.68
C GLY C 112 -9.43 21.23 31.81
N TYR C 113 -8.20 20.76 31.65
CA TYR C 113 -7.92 19.53 30.90
C TYR C 113 -6.89 18.67 31.62
N SER C 114 -7.19 17.36 31.70
CA SER C 114 -6.29 16.39 32.30
C SER C 114 -5.11 16.09 31.38
N LEU C 115 -3.89 16.37 31.85
CA LEU C 115 -2.66 16.05 31.11
C LEU C 115 -2.49 14.54 30.93
N PHE C 116 -2.83 13.77 31.98
CA PHE C 116 -2.69 12.31 31.95
C PHE C 116 -3.63 11.68 30.92
N LEU C 117 -4.90 12.10 30.91
CA LEU C 117 -5.88 11.55 29.95
C LEU C 117 -5.62 11.98 28.51
N VAL C 118 -4.95 13.12 28.32
CA VAL C 118 -4.53 13.59 26.99
C VAL C 118 -3.20 12.96 26.55
N ALA C 119 -2.26 12.78 27.50
CA ALA C 119 -0.98 12.10 27.24
C ALA C 119 -1.22 10.64 26.86
N ALA C 120 -2.16 9.99 27.55
CA ALA C 120 -2.54 8.60 27.26
C ALA C 120 -3.20 8.40 25.88
N HIS C 121 -4.05 9.35 25.49
CA HIS C 121 -4.67 9.35 24.17
C HIS C 121 -3.64 9.63 23.06
N ALA C 122 -2.75 10.59 23.29
CA ALA C 122 -1.70 10.92 22.33
C ALA C 122 -0.64 9.82 22.21
N PHE C 123 -0.33 9.13 23.32
CA PHE C 123 0.54 7.94 23.29
C PHE C 123 -0.16 6.74 22.60
N GLY C 124 -1.49 6.75 22.54
CA GLY C 124 -2.23 5.78 21.73
C GLY C 124 -2.04 5.96 20.23
N HIS C 125 -1.91 7.21 19.79
CA HIS C 125 -1.55 7.53 18.39
C HIS C 125 -0.06 7.27 18.10
N ALA C 126 0.79 7.41 19.12
CA ALA C 126 2.20 7.06 19.02
C ALA C 126 2.44 5.55 18.90
N MET C 127 1.45 4.73 19.30
CA MET C 127 1.48 3.27 19.12
C MET C 127 0.71 2.84 17.86
N GLY C 128 0.29 3.80 17.03
CA GLY C 128 -0.40 3.54 15.76
C GLY C 128 -1.88 3.20 15.84
N LEU C 129 -2.64 3.87 16.69
CA LEU C 129 -4.10 3.69 16.76
C LEU C 129 -4.83 4.96 16.37
N GLU C 130 -5.70 4.83 15.38
CA GLU C 130 -6.60 5.91 14.94
C GLU C 130 -7.76 6.04 15.93
N HIS C 131 -8.68 6.96 15.62
CA HIS C 131 -9.85 7.18 16.45
C HIS C 131 -10.86 6.01 16.48
N SER C 132 -11.47 5.84 17.66
CA SER C 132 -12.30 4.69 17.97
C SER C 132 -13.76 5.03 17.73
N GLN C 133 -14.49 4.06 17.19
CA GLN C 133 -15.93 4.16 16.97
C GLN C 133 -16.77 4.02 18.26
N ASP C 134 -16.22 3.34 19.28
CA ASP C 134 -16.87 3.26 20.58
C ASP C 134 -16.82 4.64 21.27
N PRO C 135 -18.00 5.21 21.65
CA PRO C 135 -18.04 6.56 22.27
C PRO C 135 -17.35 6.73 23.64
N GLY C 136 -17.17 5.62 24.36
CA GLY C 136 -16.51 5.63 25.67
C GLY C 136 -15.03 5.31 25.67
N ALA C 137 -14.51 4.79 24.55
CA ALA C 137 -13.09 4.44 24.42
C ALA C 137 -12.16 5.62 24.60
N LEU C 138 -10.94 5.34 25.05
CA LEU C 138 -9.93 6.40 25.25
C LEU C 138 -9.56 7.05 23.92
N MET C 139 -9.50 6.24 22.86
CA MET C 139 -9.10 6.72 21.55
C MET C 139 -10.21 7.41 20.75
N ALA C 140 -11.39 7.59 21.34
CA ALA C 140 -12.47 8.34 20.70
C ALA C 140 -12.04 9.82 20.52
N PRO C 141 -12.59 10.51 19.50
CA PRO C 141 -12.19 11.92 19.26
C PRO C 141 -12.61 12.90 20.37
N ILE C 142 -13.78 12.62 20.97
CA ILE C 142 -14.45 13.54 21.90
C ILE C 142 -13.79 13.42 23.28
N TYR C 143 -13.39 14.55 23.85
CA TYR C 143 -12.76 14.59 25.18
C TYR C 143 -13.77 14.23 26.29
N THR C 144 -13.29 13.45 27.25
CA THR C 144 -14.08 13.00 28.38
C THR C 144 -13.14 12.87 29.58
N TYR C 145 -13.59 13.38 30.72
CA TYR C 145 -12.92 13.11 31.99
C TYR C 145 -13.86 12.28 32.88
N THR C 146 -13.33 11.19 33.46
CA THR C 146 -14.01 10.46 34.55
C THR C 146 -13.03 10.34 35.72
N LYS C 147 -13.57 10.15 36.92
CA LYS C 147 -12.76 10.15 38.13
C LYS C 147 -11.87 8.89 38.14
N ASN C 148 -12.35 7.81 37.53
CA ASN C 148 -11.59 6.56 37.52
C ASN C 148 -11.57 6.01 36.08
N PHE C 149 -10.48 6.34 35.38
CA PHE C 149 -10.32 6.01 33.96
C PHE C 149 -10.22 4.50 33.75
N ARG C 150 -10.93 4.00 32.76
CA ARG C 150 -11.02 2.57 32.51
C ARG C 150 -11.01 2.26 31.02
N LEU C 151 -9.97 1.56 30.59
CA LEU C 151 -9.86 1.10 29.21
C LEU C 151 -11.07 0.31 28.75
N SER C 152 -11.54 0.54 27.53
CA SER C 152 -12.75 -0.13 27.07
C SER C 152 -12.34 -1.40 26.38
N GLN C 153 -13.31 -2.19 25.99
CA GLN C 153 -13.04 -3.43 25.27
C GLN C 153 -12.50 -3.12 23.87
N ASP C 154 -12.95 -2.01 23.29
CA ASP C 154 -12.54 -1.62 21.93
C ASP C 154 -11.14 -1.05 21.90
N ASP C 155 -10.77 -0.35 22.96
CA ASP C 155 -9.42 0.13 23.13
C ASP C 155 -8.49 -1.04 23.48
N ILE C 156 -9.05 -2.21 23.80
CA ILE C 156 -8.31 -3.41 24.21
C ILE C 156 -7.82 -4.26 23.04
N LYS C 157 -8.76 -4.78 22.25
CA LYS C 157 -8.40 -5.66 21.13
C LYS C 157 -7.55 -4.91 20.10
N GLY C 158 -7.84 -3.61 19.98
CA GLY C 158 -7.14 -2.74 19.05
C GLY C 158 -5.65 -2.76 19.22
N ILE C 159 -5.19 -2.50 20.45
CA ILE C 159 -3.75 -2.43 20.73
C ILE C 159 -3.14 -3.83 20.77
N GLN C 160 -3.96 -4.85 21.05
CA GLN C 160 -3.49 -6.24 21.03
C GLN C 160 -3.40 -6.83 19.62
N GLU C 161 -4.17 -6.28 18.69
CA GLU C 161 -4.06 -6.68 17.27
C GLU C 161 -2.66 -6.43 16.70
N LEU C 162 -2.03 -5.35 17.13
CA LEU C 162 -0.69 -4.96 16.66
C LEU C 162 0.46 -5.50 17.51
N TYR C 163 0.25 -5.61 18.83
CA TYR C 163 1.32 -5.97 19.78
C TYR C 163 1.09 -7.24 20.61
N GLY C 164 -0.14 -7.73 20.65
CA GLY C 164 -0.50 -8.92 21.44
C GLY C 164 -0.77 -8.63 22.90
N ALA C 165 -1.27 -9.63 23.62
CA ALA C 165 -1.60 -9.50 25.05
C ALA C 165 -0.35 -9.40 25.96
N SER C 166 -0.58 -8.98 27.21
CA SER C 166 0.47 -8.73 28.19
C SER C 166 1.00 -10.05 28.81
N PRO C 167 2.32 -10.11 29.11
CA PRO C 167 2.87 -11.12 30.05
C PRO C 167 2.23 -11.02 31.44
N ASN D 2 -11.58 -21.63 -2.87
CA ASN D 2 -12.39 -21.20 -4.00
C ASN D 2 -11.53 -20.43 -5.00
N ASP D 3 -10.60 -21.20 -5.60
CA ASP D 3 -9.62 -20.70 -6.55
C ASP D 3 -9.77 -21.05 -8.03
N ALA D 4 -10.76 -21.88 -8.32
CA ALA D 4 -11.07 -22.37 -9.63
C ALA D 4 -12.46 -21.89 -9.93
N LEU D 5 -12.59 -20.83 -10.72
CA LEU D 5 -13.82 -20.16 -11.07
C LEU D 5 -14.47 -20.47 -12.37
N ASN E 2 -8.60 13.40 -2.49
CA ASN E 2 -7.40 12.99 -1.78
C ASN E 2 -6.51 12.07 -2.61
N ASP E 3 -5.61 12.70 -3.37
CA ASP E 3 -4.65 12.05 -4.21
C ASP E 3 -3.24 12.31 -3.76
N ALA E 4 -3.08 13.08 -2.68
CA ALA E 4 -1.82 13.47 -2.11
C ALA E 4 -1.75 12.94 -0.70
N LEU E 5 -0.94 11.91 -0.57
CA LEU E 5 -0.70 11.14 0.61
C LEU E 5 0.57 11.34 1.32
N ASN F 2 -7.29 16.98 14.62
CA ASN F 2 -6.26 16.65 13.67
C ASN F 2 -5.04 16.44 14.51
N ASP F 3 -5.13 15.41 15.35
CA ASP F 3 -4.08 15.08 16.28
C ASP F 3 -3.28 13.82 16.04
N ALA F 4 -3.70 12.95 15.08
CA ALA F 4 -3.06 11.70 14.67
C ALA F 4 -2.26 11.97 13.38
N LEU F 5 -0.93 12.10 13.49
CA LEU F 5 -0.10 12.47 12.34
C LEU F 5 0.66 11.41 11.60
#